data_5H4I
#
_entry.id   5H4I
#
_cell.length_a   42.345
_cell.length_b   42.345
_cell.length_c   214.998
_cell.angle_alpha   90.00
_cell.angle_beta   90.00
_cell.angle_gamma   90.00
#
_symmetry.space_group_name_H-M   'P 43 2 2'
#
loop_
_entity.id
_entity.type
_entity.pdbx_description
1 polymer 'NS2B cofactor'
2 polymer 'NS3 protease'
3 non-polymer benzimidazol-1-ylmethanol
4 non-polymer 'ACETATE ION'
5 water water
#
loop_
_entity_poly.entity_id
_entity_poly.type
_entity_poly.pdbx_seq_one_letter_code
_entity_poly.pdbx_strand_id
1 'polypeptide(L)' MTGKSVDMYIERAGDITWEKDAEVTGNSPRLDVALDESGDFSLVEDDGPPMRE A
2 'polypeptide(L)'
;GSGALWDVPAPKEVKKGETTDGVYRVMTRRLLGSTQVGVGVMQEGVFHTMWHVTKGAALRSGEGRLDPYWGDVKQDLVSY
CGPWKLDAAWDGLSEVQLLAVPPGERAKNIQTLPGIFKTKDGDIGAVALDYPAGTSGSPILDKCGRVIGLYGNGVVIKNG
SYVSAITQGKREEETPVE
;
B
#
loop_
_chem_comp.id
_chem_comp.type
_chem_comp.name
_chem_comp.formula
7HQ non-polymer benzimidazol-1-ylmethanol 'C8 H8 N2 O'
ACT non-polymer 'ACETATE ION' 'C2 H3 O2 -1'
#
# COMPACT_ATOMS: atom_id res chain seq x y z
N ASP A 7 8.21 -19.58 3.69
CA ASP A 7 7.23 -19.33 2.64
C ASP A 7 6.13 -18.38 3.10
N MET A 8 5.80 -17.41 2.26
CA MET A 8 4.73 -16.46 2.52
C MET A 8 3.46 -16.90 1.80
N TYR A 9 2.33 -16.55 2.39
CA TYR A 9 1.03 -16.87 1.82
C TYR A 9 0.09 -15.70 2.04
N ILE A 10 -1.01 -15.70 1.29
CA ILE A 10 -1.98 -14.61 1.35
C ILE A 10 -3.35 -15.17 1.70
N GLU A 11 -4.15 -14.34 2.39
CA GLU A 11 -5.52 -14.68 2.71
C GLU A 11 -6.36 -13.41 2.66
N ARG A 12 -7.59 -13.55 2.18
CA ARG A 12 -8.42 -12.39 1.86
C ARG A 12 -8.81 -11.64 3.13
N ALA A 13 -8.87 -10.31 3.01
CA ALA A 13 -9.18 -9.44 4.13
C ALA A 13 -10.36 -8.51 3.90
N GLY A 14 -10.85 -8.39 2.66
CA GLY A 14 -12.05 -7.60 2.44
C GLY A 14 -12.18 -7.19 0.99
N ASP A 15 -13.26 -6.47 0.72
CA ASP A 15 -13.51 -5.90 -0.60
C ASP A 15 -12.86 -4.53 -0.74
N ILE A 16 -12.54 -4.16 -1.97
CA ILE A 16 -11.98 -2.85 -2.28
C ILE A 16 -13.15 -1.91 -2.52
N THR A 17 -13.49 -1.10 -1.52
CA THR A 17 -14.70 -0.30 -1.60
C THR A 17 -14.60 0.92 -0.70
N TRP A 18 -15.23 2.01 -1.15
CA TRP A 18 -15.35 3.21 -0.35
C TRP A 18 -16.50 3.07 0.65
N GLU A 19 -16.25 3.49 1.89
CA GLU A 19 -17.26 3.48 2.94
C GLU A 19 -17.75 4.90 3.20
N LYS A 20 -19.07 5.09 3.19
CA LYS A 20 -19.61 6.43 3.41
C LYS A 20 -19.58 6.83 4.88
N ASP A 21 -19.63 5.86 5.79
CA ASP A 21 -19.63 6.16 7.22
C ASP A 21 -18.24 6.04 7.84
N ALA A 22 -17.20 6.30 7.06
CA ALA A 22 -15.83 6.08 7.51
C ALA A 22 -15.36 7.21 8.42
N GLU A 23 -14.55 6.86 9.42
CA GLU A 23 -13.94 7.86 10.29
C GLU A 23 -13.01 8.76 9.49
N VAL A 24 -13.06 10.06 9.76
CA VAL A 24 -12.25 11.06 9.09
C VAL A 24 -11.22 11.57 10.09
N THR A 25 -9.94 11.36 9.79
CA THR A 25 -8.87 11.84 10.67
C THR A 25 -7.61 12.01 9.83
N GLY A 26 -6.55 12.52 10.46
CA GLY A 26 -5.29 12.73 9.78
C GLY A 26 -5.14 14.10 9.15
N ASN A 27 -3.94 14.67 9.26
CA ASN A 27 -3.63 15.98 8.71
C ASN A 27 -3.03 15.84 7.32
N SER A 28 -2.65 16.97 6.71
CA SER A 28 -2.22 17.03 5.31
C SER A 28 -0.93 17.83 5.18
N PRO A 29 0.17 17.30 5.69
CA PRO A 29 1.41 18.09 5.73
C PRO A 29 2.10 18.18 4.38
N ARG A 30 2.83 19.28 4.18
CA ARG A 30 3.68 19.49 3.02
C ARG A 30 5.12 19.21 3.44
N LEU A 31 5.72 18.17 2.86
CA LEU A 31 7.04 17.72 3.24
C LEU A 31 7.96 17.71 2.02
N ASP A 32 9.15 18.27 2.17
CA ASP A 32 10.20 18.15 1.16
C ASP A 32 11.01 16.90 1.45
N VAL A 33 10.99 15.94 0.53
CA VAL A 33 11.63 14.65 0.74
C VAL A 33 12.51 14.29 -0.44
N ALA A 34 13.45 13.40 -0.19
CA ALA A 34 14.32 12.84 -1.22
C ALA A 34 14.15 11.33 -1.24
N LEU A 35 14.19 10.75 -2.44
CA LEU A 35 14.02 9.32 -2.65
C LEU A 35 15.34 8.76 -3.15
N ASP A 36 15.94 7.85 -2.37
CA ASP A 36 17.24 7.31 -2.76
C ASP A 36 17.07 6.06 -3.62
N GLU A 37 18.21 5.53 -4.08
CA GLU A 37 18.21 4.36 -4.95
C GLU A 37 17.62 3.13 -4.27
N SER A 38 17.65 3.05 -2.95
CA SER A 38 17.10 1.92 -2.22
C SER A 38 15.61 2.02 -2.01
N GLY A 39 14.97 3.11 -2.45
CA GLY A 39 13.54 3.26 -2.27
C GLY A 39 13.11 3.79 -0.92
N ASP A 40 14.03 4.35 -0.15
CA ASP A 40 13.70 4.92 1.16
C ASP A 40 13.57 6.43 1.04
N PHE A 41 12.49 6.97 1.57
CA PHE A 41 12.30 8.42 1.62
C PHE A 41 13.07 8.99 2.80
N SER A 42 13.47 10.26 2.67
CA SER A 42 14.11 10.99 3.75
C SER A 42 13.71 12.44 3.68
N LEU A 43 13.71 13.10 4.84
CA LEU A 43 13.27 14.49 4.94
C LEU A 43 14.38 15.46 4.57
N VAL A 44 14.02 16.52 3.86
CA VAL A 44 14.97 17.54 3.45
C VAL A 44 14.83 18.80 4.31
N GLU B 18 -6.90 -18.94 -4.87
CA GLU B 18 -7.98 -18.04 -5.24
C GLU B 18 -7.44 -16.74 -5.84
N THR B 19 -8.10 -16.26 -6.88
CA THR B 19 -7.72 -15.03 -7.57
C THR B 19 -8.83 -13.99 -7.48
N THR B 20 -9.67 -14.08 -6.46
CA THR B 20 -10.77 -13.14 -6.29
C THR B 20 -10.24 -11.73 -6.03
N ASP B 21 -10.82 -10.75 -6.72
CA ASP B 21 -10.50 -9.35 -6.45
C ASP B 21 -10.69 -9.04 -4.98
N GLY B 22 -9.83 -8.18 -4.45
CA GLY B 22 -9.98 -7.70 -3.09
C GLY B 22 -8.63 -7.41 -2.46
N VAL B 23 -8.68 -7.14 -1.15
CA VAL B 23 -7.48 -6.86 -0.37
C VAL B 23 -7.14 -8.10 0.46
N TYR B 24 -5.85 -8.37 0.61
CA TYR B 24 -5.35 -9.60 1.20
C TYR B 24 -4.25 -9.29 2.20
N ARG B 25 -4.17 -10.13 3.25
CA ARG B 25 -3.02 -10.08 4.14
C ARG B 25 -1.88 -10.92 3.56
N VAL B 26 -0.65 -10.50 3.84
CA VAL B 26 0.55 -11.25 3.47
C VAL B 26 1.15 -11.80 4.76
N MET B 27 1.16 -13.13 4.89
CA MET B 27 1.55 -13.81 6.12
C MET B 27 2.80 -14.64 5.89
N THR B 28 3.54 -14.88 6.97
CA THR B 28 4.72 -15.73 6.94
C THR B 28 4.73 -16.61 8.18
N ARG B 29 5.58 -17.64 8.15
CA ARG B 29 5.75 -18.54 9.28
C ARG B 29 7.21 -18.80 9.60
N ARG B 30 8.13 -18.04 9.03
CA ARG B 30 9.55 -18.19 9.36
C ARG B 30 9.88 -17.67 10.75
N LEU B 31 8.98 -16.89 11.35
CA LEU B 31 9.15 -16.36 12.69
C LEU B 31 8.22 -17.10 13.66
N LEU B 32 7.92 -16.47 14.78
CA LEU B 32 7.01 -17.05 15.75
C LEU B 32 5.57 -16.95 15.26
N GLY B 33 4.82 -18.04 15.42
CA GLY B 33 3.41 -18.10 15.07
C GLY B 33 3.17 -17.69 13.63
N SER B 34 2.01 -17.09 13.40
CA SER B 34 1.65 -16.52 12.10
C SER B 34 1.84 -15.01 12.18
N THR B 35 2.68 -14.46 11.30
CA THR B 35 3.03 -13.05 11.33
C THR B 35 2.61 -12.39 10.02
N GLN B 36 2.00 -11.22 10.12
CA GLN B 36 1.59 -10.45 8.94
C GLN B 36 2.71 -9.49 8.58
N VAL B 37 3.39 -9.74 7.46
CA VAL B 37 4.43 -8.84 6.99
C VAL B 37 3.90 -7.69 6.15
N GLY B 38 2.72 -7.83 5.55
CA GLY B 38 2.19 -6.79 4.70
C GLY B 38 0.79 -7.07 4.23
N VAL B 39 0.39 -6.31 3.22
CA VAL B 39 -0.95 -6.32 2.65
C VAL B 39 -0.81 -6.13 1.14
N GLY B 40 -1.78 -6.64 0.37
CA GLY B 40 -1.77 -6.38 -1.06
C GLY B 40 -3.17 -6.40 -1.63
N VAL B 41 -3.27 -5.98 -2.89
CA VAL B 41 -4.55 -5.94 -3.58
C VAL B 41 -4.49 -6.89 -4.78
N MET B 42 -5.61 -7.59 -5.00
CA MET B 42 -5.77 -8.47 -6.15
C MET B 42 -6.76 -7.82 -7.10
N GLN B 43 -6.34 -7.60 -8.35
CA GLN B 43 -7.22 -7.01 -9.34
C GLN B 43 -6.83 -7.53 -10.71
N GLU B 44 -7.82 -7.96 -11.48
CA GLU B 44 -7.61 -8.47 -12.84
C GLU B 44 -6.58 -9.60 -12.86
N GLY B 45 -6.63 -10.46 -11.84
CA GLY B 45 -5.74 -11.60 -11.78
C GLY B 45 -4.32 -11.30 -11.37
N VAL B 46 -4.02 -10.07 -10.98
CA VAL B 46 -2.68 -9.65 -10.60
C VAL B 46 -2.69 -9.23 -9.13
N PHE B 47 -1.68 -9.67 -8.39
CA PHE B 47 -1.53 -9.29 -6.99
C PHE B 47 -0.50 -8.18 -6.89
N HIS B 48 -0.88 -7.06 -6.28
CA HIS B 48 -0.03 -5.88 -6.14
C HIS B 48 0.30 -5.67 -4.68
N THR B 49 1.59 -5.57 -4.36
CA THR B 49 2.01 -5.21 -3.01
C THR B 49 3.27 -4.37 -3.11
N MET B 50 3.83 -4.04 -1.95
CA MET B 50 5.06 -3.27 -1.90
C MET B 50 6.26 -4.20 -1.83
N TRP B 51 7.36 -3.78 -2.45
CA TRP B 51 8.51 -4.67 -2.60
C TRP B 51 9.09 -5.07 -1.23
N HIS B 52 9.19 -4.11 -0.30
CA HIS B 52 9.80 -4.43 0.98
C HIS B 52 9.00 -5.44 1.78
N VAL B 53 7.74 -5.69 1.42
CA VAL B 53 6.93 -6.68 2.12
C VAL B 53 7.42 -8.08 1.80
N THR B 54 7.54 -8.41 0.51
CA THR B 54 7.89 -9.77 0.10
C THR B 54 9.32 -9.91 -0.38
N LYS B 55 10.01 -8.80 -0.67
CA LYS B 55 11.36 -8.83 -1.26
C LYS B 55 11.40 -9.67 -2.53
N GLY B 56 10.29 -9.66 -3.29
CA GLY B 56 10.21 -10.39 -4.54
C GLY B 56 10.00 -11.87 -4.42
N ALA B 57 9.79 -12.39 -3.21
CA ALA B 57 9.65 -13.83 -3.04
C ALA B 57 8.30 -14.31 -3.58
N ALA B 58 8.26 -15.57 -4.01
CA ALA B 58 7.01 -16.17 -4.44
C ALA B 58 6.02 -16.28 -3.28
N LEU B 59 4.74 -16.37 -3.62
CA LEU B 59 3.67 -16.39 -2.64
C LEU B 59 2.78 -17.61 -2.87
N ARG B 60 2.17 -18.08 -1.78
CA ARG B 60 1.25 -19.19 -1.79
C ARG B 60 -0.17 -18.67 -1.63
N SER B 61 -1.10 -19.26 -2.37
CA SER B 61 -2.52 -18.89 -2.30
C SER B 61 -3.33 -20.16 -2.17
N GLY B 62 -3.43 -20.68 -0.94
CA GLY B 62 -4.06 -21.96 -0.71
C GLY B 62 -3.25 -23.09 -1.30
N GLU B 63 -3.71 -23.63 -2.43
CA GLU B 63 -2.96 -24.66 -3.14
C GLU B 63 -2.15 -24.10 -4.30
N GLY B 64 -2.52 -22.93 -4.82
CA GLY B 64 -1.81 -22.34 -5.93
C GLY B 64 -0.57 -21.58 -5.52
N ARG B 65 0.13 -21.05 -6.52
CA ARG B 65 1.37 -20.32 -6.29
C ARG B 65 1.39 -19.08 -7.17
N LEU B 66 1.87 -17.97 -6.60
CA LEU B 66 2.01 -16.71 -7.32
C LEU B 66 3.48 -16.37 -7.45
N ASP B 67 3.93 -16.18 -8.68
CA ASP B 67 5.32 -15.81 -8.92
C ASP B 67 5.41 -14.33 -9.29
N PRO B 68 6.50 -13.66 -8.91
CA PRO B 68 6.65 -12.25 -9.29
C PRO B 68 6.74 -12.11 -10.81
N TYR B 69 6.16 -11.01 -11.30
CA TYR B 69 6.14 -10.68 -12.72
C TYR B 69 6.85 -9.37 -13.02
N TRP B 70 6.68 -8.37 -12.16
CA TRP B 70 7.35 -7.09 -12.31
C TRP B 70 7.66 -6.55 -10.93
N GLY B 71 8.77 -5.84 -10.82
CA GLY B 71 9.11 -5.20 -9.56
C GLY B 71 10.17 -4.14 -9.75
N ASP B 72 10.23 -3.24 -8.79
CA ASP B 72 11.20 -2.14 -8.82
C ASP B 72 11.44 -1.71 -7.38
N VAL B 73 12.69 -1.82 -6.94
CA VAL B 73 13.03 -1.55 -5.54
C VAL B 73 12.88 -0.06 -5.23
N LYS B 74 13.24 0.80 -6.18
CA LYS B 74 13.16 2.23 -5.93
C LYS B 74 11.72 2.71 -5.80
N GLN B 75 10.83 2.19 -6.65
CA GLN B 75 9.41 2.46 -6.48
C GLN B 75 8.83 1.71 -5.28
N ASP B 76 9.50 0.65 -4.83
CA ASP B 76 9.03 -0.21 -3.73
C ASP B 76 7.69 -0.86 -4.09
N LEU B 77 7.59 -1.37 -5.32
CA LEU B 77 6.38 -2.04 -5.79
C LEU B 77 6.75 -3.36 -6.44
N VAL B 78 5.81 -4.30 -6.41
CA VAL B 78 5.96 -5.60 -7.05
C VAL B 78 4.58 -6.12 -7.42
N SER B 79 4.50 -6.84 -8.54
CA SER B 79 3.25 -7.42 -9.00
C SER B 79 3.45 -8.90 -9.28
N TYR B 80 2.38 -9.66 -9.11
CA TYR B 80 2.42 -11.12 -9.24
C TYR B 80 1.43 -11.57 -10.29
N CYS B 81 1.87 -12.51 -11.13
CA CYS B 81 1.06 -13.19 -12.15
C CYS B 81 0.81 -12.33 -13.37
N GLY B 82 1.21 -11.05 -13.37
CA GLY B 82 0.95 -10.17 -14.47
C GLY B 82 1.52 -8.79 -14.25
N PRO B 83 1.35 -7.91 -15.24
CA PRO B 83 1.84 -6.54 -15.09
C PRO B 83 0.96 -5.73 -14.15
N TRP B 84 1.54 -4.66 -13.63
CA TRP B 84 0.82 -3.73 -12.77
C TRP B 84 -0.45 -3.24 -13.45
N LYS B 85 -1.58 -3.37 -12.76
CA LYS B 85 -2.89 -3.02 -13.30
C LYS B 85 -3.47 -1.72 -12.75
N LEU B 86 -3.02 -1.28 -11.58
CA LEU B 86 -3.64 -0.14 -10.90
C LEU B 86 -3.09 1.16 -11.48
N ASP B 87 -3.97 1.99 -12.05
CA ASP B 87 -3.54 3.20 -12.72
C ASP B 87 -4.32 4.45 -12.34
N ALA B 88 -5.27 4.35 -11.39
CA ALA B 88 -5.94 5.55 -10.92
C ALA B 88 -4.98 6.43 -10.15
N ALA B 89 -5.22 7.75 -10.21
CA ALA B 89 -4.37 8.72 -9.56
C ALA B 89 -5.21 9.64 -8.67
N TRP B 90 -4.60 10.09 -7.58
CA TRP B 90 -5.23 11.11 -6.74
C TRP B 90 -5.38 12.40 -7.54
N ASP B 91 -6.54 13.05 -7.39
CA ASP B 91 -6.79 14.28 -8.13
C ASP B 91 -6.05 15.48 -7.56
N GLY B 92 -5.41 15.33 -6.40
CA GLY B 92 -4.74 16.43 -5.74
C GLY B 92 -5.65 17.31 -4.91
N LEU B 93 -6.96 17.06 -4.93
CA LEU B 93 -7.92 17.90 -4.22
C LEU B 93 -8.75 17.12 -3.21
N SER B 94 -9.35 16.02 -3.61
CA SER B 94 -10.36 15.36 -2.81
C SER B 94 -9.74 14.54 -1.68
N GLU B 95 -10.56 14.25 -0.68
CA GLU B 95 -10.14 13.32 0.35
C GLU B 95 -10.13 11.89 -0.21
N VAL B 96 -9.36 11.03 0.44
CA VAL B 96 -9.22 9.63 0.05
C VAL B 96 -9.51 8.78 1.27
N GLN B 97 -9.54 7.46 1.05
CA GLN B 97 -9.70 6.53 2.15
C GLN B 97 -8.57 5.51 2.13
N LEU B 98 -7.96 5.30 3.30
CA LEU B 98 -7.02 4.22 3.50
C LEU B 98 -7.80 3.00 3.99
N LEU B 99 -7.76 1.92 3.20
CA LEU B 99 -8.35 0.65 3.62
C LEU B 99 -7.26 -0.12 4.36
N ALA B 100 -7.11 0.23 5.63
CA ALA B 100 -6.06 -0.33 6.47
C ALA B 100 -6.38 -1.77 6.84
N VAL B 101 -5.41 -2.65 6.70
CA VAL B 101 -5.54 -4.04 7.14
C VAL B 101 -4.50 -4.29 8.21
N PRO B 102 -4.76 -3.90 9.47
CA PRO B 102 -3.75 -4.06 10.50
C PRO B 102 -3.58 -5.52 10.88
N PRO B 103 -2.39 -5.92 11.31
CA PRO B 103 -2.18 -7.34 11.67
C PRO B 103 -3.00 -7.74 12.89
N GLY B 104 -3.75 -8.83 12.74
CA GLY B 104 -4.62 -9.31 13.80
C GLY B 104 -5.90 -8.52 13.99
N GLU B 105 -6.19 -7.56 13.12
CA GLU B 105 -7.37 -6.71 13.26
C GLU B 105 -8.13 -6.66 11.94
N ARG B 106 -9.40 -6.29 12.03
CA ARG B 106 -10.26 -6.26 10.86
C ARG B 106 -9.92 -5.09 9.94
N ALA B 107 -10.13 -5.29 8.65
CA ALA B 107 -9.97 -4.19 7.69
C ALA B 107 -10.92 -3.05 8.04
N LYS B 108 -10.40 -1.82 8.00
CA LYS B 108 -11.18 -0.64 8.35
C LYS B 108 -10.78 0.54 7.49
N ASN B 109 -11.77 1.23 6.92
CA ASN B 109 -11.51 2.39 6.09
C ASN B 109 -11.30 3.63 6.95
N ILE B 110 -10.33 4.46 6.57
CA ILE B 110 -10.11 5.74 7.22
C ILE B 110 -10.05 6.81 6.14
N GLN B 111 -10.93 7.81 6.24
CA GLN B 111 -10.96 8.90 5.30
C GLN B 111 -10.00 10.01 5.74
N THR B 112 -9.30 10.60 4.78
CA THR B 112 -8.31 11.61 5.10
C THR B 112 -8.02 12.46 3.86
N LEU B 113 -7.49 13.66 4.10
CA LEU B 113 -7.06 14.52 3.02
C LEU B 113 -5.55 14.41 2.86
N PRO B 114 -5.05 13.90 1.74
CA PRO B 114 -3.60 13.67 1.62
C PRO B 114 -2.81 14.96 1.72
N GLY B 115 -1.58 14.83 2.22
CA GLY B 115 -0.58 15.86 2.09
C GLY B 115 0.20 15.70 0.80
N ILE B 116 1.41 16.26 0.78
CA ILE B 116 2.24 16.28 -0.42
C ILE B 116 3.67 15.91 -0.06
N PHE B 117 4.24 14.95 -0.80
CA PHE B 117 5.67 14.71 -0.82
C PHE B 117 6.27 15.54 -1.96
N LYS B 118 7.08 16.54 -1.61
CA LYS B 118 7.68 17.43 -2.58
C LYS B 118 9.11 16.96 -2.86
N THR B 119 9.33 16.41 -4.05
CA THR B 119 10.64 15.92 -4.46
C THR B 119 11.12 16.70 -5.68
N LYS B 120 12.36 16.44 -6.07
CA LYS B 120 12.91 17.08 -7.26
C LYS B 120 12.23 16.60 -8.54
N ASP B 121 11.59 15.44 -8.51
CA ASP B 121 10.97 14.85 -9.69
C ASP B 121 9.47 15.13 -9.77
N GLY B 122 8.93 15.93 -8.86
CA GLY B 122 7.53 16.25 -8.84
C GLY B 122 6.93 15.97 -7.48
N ASP B 123 5.61 16.15 -7.39
CA ASP B 123 4.89 15.97 -6.14
C ASP B 123 4.07 14.69 -6.18
N ILE B 124 4.01 14.00 -5.03
CA ILE B 124 3.13 12.85 -4.85
C ILE B 124 2.31 13.07 -3.59
N GLY B 125 1.07 12.58 -3.63
CA GLY B 125 0.25 12.62 -2.43
C GLY B 125 0.85 11.80 -1.31
N ALA B 126 0.48 12.17 -0.08
CA ALA B 126 0.97 11.49 1.11
C ALA B 126 -0.13 11.46 2.15
N VAL B 127 -0.24 10.34 2.87
CA VAL B 127 -1.28 10.16 3.88
C VAL B 127 -0.62 10.13 5.25
N ALA B 128 -1.13 10.93 6.19
CA ALA B 128 -0.57 11.03 7.52
C ALA B 128 -1.39 10.19 8.50
N LEU B 129 -1.20 8.87 8.37
CA LEU B 129 -1.86 7.89 9.23
C LEU B 129 -0.81 6.89 9.69
N ASP B 130 -0.82 6.58 10.98
CA ASP B 130 0.18 5.70 11.58
C ASP B 130 -0.44 4.35 11.92
N TYR B 131 0.24 3.28 11.54
CA TYR B 131 -0.21 1.92 11.77
C TYR B 131 1.00 1.03 11.89
N PRO B 132 0.83 -0.19 12.44
CA PRO B 132 1.97 -1.12 12.49
C PRO B 132 2.52 -1.39 11.08
N ALA B 133 3.81 -1.72 11.04
CA ALA B 133 4.50 -1.88 9.77
C ALA B 133 3.90 -2.99 8.91
N GLY B 134 3.31 -4.00 9.54
CA GLY B 134 2.61 -5.06 8.83
C GLY B 134 1.38 -4.60 8.04
N THR B 135 1.04 -3.33 8.08
CA THR B 135 -0.06 -2.76 7.30
C THR B 135 0.42 -2.27 5.93
N SER B 136 1.73 -2.35 5.67
CA SER B 136 2.29 -1.93 4.39
C SER B 136 1.65 -2.69 3.24
N GLY B 137 1.22 -1.97 2.22
CA GLY B 137 0.53 -2.54 1.08
C GLY B 137 -0.97 -2.28 1.07
N SER B 138 -1.51 -1.70 2.13
CA SER B 138 -2.93 -1.43 2.19
C SER B 138 -3.33 -0.42 1.10
N PRO B 139 -4.41 -0.65 0.38
CA PRO B 139 -4.79 0.24 -0.73
C PRO B 139 -5.38 1.56 -0.25
N ILE B 140 -5.19 2.57 -1.09
CA ILE B 140 -5.77 3.90 -0.91
C ILE B 140 -6.73 4.14 -2.07
N LEU B 141 -7.94 4.60 -1.75
CA LEU B 141 -9.02 4.64 -2.72
C LEU B 141 -9.52 6.08 -2.92
N ASP B 142 -9.97 6.36 -4.14
CA ASP B 142 -10.75 7.56 -4.40
C ASP B 142 -12.23 7.24 -4.16
N LYS B 143 -13.07 8.27 -4.25
CA LYS B 143 -14.49 8.12 -3.93
C LYS B 143 -15.21 7.16 -4.88
N CYS B 144 -14.71 6.97 -6.10
CA CYS B 144 -15.27 5.98 -7.01
C CYS B 144 -14.86 4.55 -6.66
N GLY B 145 -13.96 4.37 -5.70
CA GLY B 145 -13.51 3.05 -5.33
C GLY B 145 -12.30 2.53 -6.07
N ARG B 146 -11.67 3.35 -6.90
CA ARG B 146 -10.47 2.92 -7.61
C ARG B 146 -9.25 3.03 -6.71
N VAL B 147 -8.32 2.10 -6.88
CA VAL B 147 -7.10 2.09 -6.09
C VAL B 147 -6.13 3.11 -6.70
N ILE B 148 -5.85 4.18 -5.96
CA ILE B 148 -4.95 5.22 -6.45
C ILE B 148 -3.52 5.05 -5.95
N GLY B 149 -3.27 4.07 -5.09
CA GLY B 149 -1.91 3.84 -4.63
C GLY B 149 -1.90 2.92 -3.43
N LEU B 150 -0.68 2.56 -3.02
CA LEU B 150 -0.46 1.67 -1.89
C LEU B 150 0.25 2.41 -0.77
N TYR B 151 -0.04 1.98 0.45
CA TYR B 151 0.38 2.64 1.68
C TYR B 151 1.50 1.83 2.34
N GLY B 152 2.54 2.51 2.81
CA GLY B 152 3.58 1.80 3.51
C GLY B 152 5.02 2.16 3.20
N ASN B 153 5.25 3.15 2.34
CA ASN B 153 6.60 3.67 2.09
C ASN B 153 6.55 5.18 2.33
N GLY B 154 7.22 5.63 3.38
CA GLY B 154 7.20 7.03 3.74
C GLY B 154 8.32 7.43 4.68
N VAL B 155 8.04 8.46 5.50
CA VAL B 155 9.02 9.07 6.39
C VAL B 155 8.44 9.15 7.79
N VAL B 156 9.29 9.57 8.73
CA VAL B 156 8.90 9.91 10.09
C VAL B 156 9.26 11.38 10.32
N ILE B 157 8.28 12.17 10.72
CA ILE B 157 8.46 13.62 10.81
C ILE B 157 8.87 14.02 12.23
N LYS B 158 8.82 15.33 12.51
CA LYS B 158 9.37 15.86 13.75
C LYS B 158 8.70 15.24 14.97
N ASN B 159 7.37 15.23 15.00
CA ASN B 159 6.64 14.73 16.17
C ASN B 159 6.90 13.25 16.42
N GLY B 160 7.40 12.51 15.43
CA GLY B 160 7.59 11.08 15.55
C GLY B 160 6.52 10.24 14.87
N SER B 161 5.49 10.86 14.31
CA SER B 161 4.45 10.14 13.60
C SER B 161 4.97 9.70 12.23
N TYR B 162 4.14 8.93 11.52
CA TYR B 162 4.51 8.36 10.24
C TYR B 162 3.65 8.96 9.14
N VAL B 163 4.28 9.31 8.02
CA VAL B 163 3.60 9.81 6.83
C VAL B 163 4.07 8.99 5.65
N SER B 164 3.12 8.34 4.97
CA SER B 164 3.42 7.43 3.86
C SER B 164 3.04 8.10 2.55
N ALA B 165 3.86 7.88 1.52
CA ALA B 165 3.49 8.34 0.19
C ALA B 165 2.28 7.56 -0.31
N ILE B 166 1.61 8.12 -1.31
CA ILE B 166 0.63 7.39 -2.11
C ILE B 166 1.39 6.83 -3.29
N THR B 167 1.88 5.60 -3.14
CA THR B 167 2.75 4.98 -4.14
C THR B 167 1.93 4.24 -5.19
N GLN B 168 1.99 4.72 -6.43
CA GLN B 168 1.27 4.11 -7.53
C GLN B 168 2.24 3.70 -8.64
N GLY B 169 1.92 2.61 -9.32
CA GLY B 169 2.70 2.14 -10.44
C GLY B 169 2.26 2.74 -11.76
N LYS B 170 2.78 2.17 -12.85
CA LYS B 170 2.45 2.60 -14.20
C LYS B 170 1.94 1.40 -14.98
N ARG B 171 0.70 1.47 -15.44
CA ARG B 171 0.12 0.41 -16.25
C ARG B 171 0.77 0.39 -17.64
N GLU B 172 0.70 -0.77 -18.29
CA GLU B 172 1.33 -1.00 -19.59
C GLU B 172 2.84 -0.76 -19.51
CAI 7HQ C . 6.91 2.59 10.20
CAK 7HQ C . 6.33 3.20 11.29
CAJ 7HQ C . 4.95 3.36 11.30
CAF 7HQ C . 4.23 2.89 10.21
CAD 7HQ C . 4.84 2.29 9.19
CAE 7HQ C . 6.16 2.14 9.18
NAC 7HQ C . 6.50 1.54 8.05
CAG 7HQ C . 5.39 1.31 7.35
NAB 7HQ C . 4.36 1.77 8.05
CAH 7HQ C . 2.96 1.68 7.57
OAA 7HQ C . 2.08 2.56 8.28
C ACT D . 13.89 -13.81 -2.74
O ACT D . 13.60 -14.93 -3.22
OXT ACT D . 14.24 -12.93 -3.57
CH3 ACT D . 13.82 -13.52 -1.27
#